data_8JBY
#
_entry.id   8JBY
#
_cell.length_a   123.692
_cell.length_b   123.692
_cell.length_c   181.738
_cell.angle_alpha   90.000
_cell.angle_beta   90.000
_cell.angle_gamma   120.000
#
_symmetry.space_group_name_H-M   'P 61 2 2'
#
loop_
_entity.id
_entity.type
_entity.pdbx_description
1 polymer 'Receptor-type tyrosine-protein phosphatase beta'
2 non-polymer '4-(hydroxymethyl)-5-(1-methylindol-3-yl)-1,2-oxazole-3-carboxylic acid'
3 non-polymer 1,2-ETHANEDIOL
4 non-polymer '4-(2-HYDROXYETHYL)-1-PIPERAZINE ETHANESULFONIC ACID'
5 water water
#
_entity_poly.entity_id   1
_entity_poly.type   'polypeptide(L)'
_entity_poly.pdbx_seq_one_letter_code
;GPLGSPGIPNQFEGHFMKLQADSNYLLSKEYEELKDVGRNQSCDIALLPENRGKNRYNNILPYDATRVKLSNVDDDPCSD
YINASYIPGNNFRREYIVTQGPLPGTKDDFWKMVWEQNVHNIVMVTQCVEKGRVKCDHYWPADQDSLYYGDLILQMLSES
VLPEWTIREFKICGEEQLDAHRLIRHFHYTVWPDHGVPETTQSLIQFVRTVRDYINRSPGAGPTVVHCSAGVGRTGTFIA
LDRILQQLDSKDSVDIYGAVHDLRLHRVHMVQTECQYVYLHQCVRDVLRARKLRS
;
_entity_poly.pdbx_strand_id   A,B
#
# COMPACT_ATOMS: atom_id res chain seq x y z
N PRO A 9 -9.80 -42.55 9.82
CA PRO A 9 -9.47 -42.37 11.25
C PRO A 9 -8.60 -43.49 11.78
N ASN A 10 -9.21 -44.62 12.14
CA ASN A 10 -8.40 -45.80 12.47
C ASN A 10 -7.53 -46.21 11.29
N GLN A 11 -8.03 -45.99 10.06
CA GLN A 11 -7.22 -46.27 8.88
C GLN A 11 -6.11 -45.24 8.71
N PHE A 12 -6.38 -43.98 9.06
CA PHE A 12 -5.37 -42.95 8.87
C PHE A 12 -4.12 -43.23 9.70
N GLU A 13 -4.30 -43.76 10.91
CA GLU A 13 -3.15 -44.08 11.75
C GLU A 13 -2.19 -45.01 11.02
N GLY A 14 -2.71 -46.13 10.51
CA GLY A 14 -1.86 -47.04 9.76
C GLY A 14 -1.33 -46.42 8.49
N HIS A 15 -2.14 -45.59 7.82
CA HIS A 15 -1.69 -44.92 6.61
C HIS A 15 -0.53 -43.97 6.91
N PHE A 16 -0.67 -43.16 7.96
CA PHE A 16 0.42 -42.26 8.34
C PHE A 16 1.68 -43.04 8.71
N MET A 17 1.54 -44.11 9.48
CA MET A 17 2.70 -44.90 9.84
C MET A 17 3.38 -45.46 8.60
N LYS A 18 2.60 -45.86 7.61
CA LYS A 18 3.16 -46.31 6.34
C LYS A 18 3.97 -45.21 5.67
N LEU A 19 3.46 -43.98 5.72
CA LEU A 19 4.17 -42.87 5.08
C LEU A 19 5.44 -42.49 5.83
N GLN A 20 5.42 -42.61 7.16
CA GLN A 20 6.58 -42.24 7.96
C GLN A 20 7.68 -43.28 7.95
N ALA A 21 7.35 -44.52 7.58
CA ALA A 21 8.35 -45.58 7.56
C ALA A 21 9.52 -45.21 6.66
N ASP A 22 10.70 -45.71 7.02
CA ASP A 22 11.89 -45.50 6.21
C ASP A 22 12.17 -44.02 6.06
N SER A 23 12.08 -43.29 7.17
CA SER A 23 12.42 -41.87 7.24
C SER A 23 11.57 -41.06 6.27
N ASN A 24 10.25 -41.29 6.33
CA ASN A 24 9.27 -40.54 5.54
C ASN A 24 9.41 -40.77 4.04
N TYR A 25 9.91 -41.94 3.64
CA TYR A 25 10.14 -42.18 2.21
C TYR A 25 8.87 -41.94 1.39
N LEU A 26 7.78 -42.63 1.75
CA LEU A 26 6.57 -42.52 0.93
C LEU A 26 5.88 -41.17 1.12
N LEU A 27 6.04 -40.54 2.28
CA LEU A 27 5.49 -39.20 2.45
C LEU A 27 6.16 -38.23 1.50
N SER A 28 7.49 -38.29 1.41
CA SER A 28 8.23 -37.41 0.51
C SER A 28 7.84 -37.67 -0.94
N LYS A 29 7.81 -38.94 -1.34
CA LYS A 29 7.40 -39.27 -2.71
C LYS A 29 6.02 -38.70 -3.01
N GLU A 30 5.08 -38.89 -2.09
CA GLU A 30 3.73 -38.35 -2.28
C GLU A 30 3.76 -36.83 -2.43
N TYR A 31 4.51 -36.15 -1.55
CA TYR A 31 4.59 -34.70 -1.66
C TYR A 31 5.23 -34.28 -2.98
N GLU A 32 6.28 -34.99 -3.40
CA GLU A 32 6.93 -34.67 -4.67
C GLU A 32 5.99 -34.92 -5.85
N GLU A 33 5.06 -35.87 -5.73
CA GLU A 33 4.12 -36.14 -6.81
C GLU A 33 3.21 -34.95 -7.09
N LEU A 34 3.14 -33.98 -6.18
CA LEU A 34 2.25 -32.83 -6.33
C LEU A 34 2.94 -31.63 -6.95
N LYS A 35 4.24 -31.67 -7.18
CA LYS A 35 5.00 -30.46 -7.47
C LYS A 35 4.50 -29.75 -8.73
N ASP A 36 4.09 -30.50 -9.75
CA ASP A 36 3.71 -29.89 -11.02
C ASP A 36 2.23 -29.57 -11.12
N VAL A 37 1.43 -29.90 -10.12
CA VAL A 37 -0.01 -29.82 -10.26
C VAL A 37 -0.45 -28.37 -10.49
N GLY A 38 -1.24 -28.17 -11.54
CA GLY A 38 -1.82 -26.88 -11.84
C GLY A 38 -0.89 -25.85 -12.43
N ARG A 39 0.39 -26.17 -12.62
CA ARG A 39 1.38 -25.17 -12.98
C ARG A 39 1.49 -24.92 -14.47
N ASN A 40 0.68 -25.57 -15.31
CA ASN A 40 0.65 -25.25 -16.73
C ASN A 40 -0.40 -24.20 -17.06
N GLN A 41 -1.01 -23.58 -16.06
CA GLN A 41 -2.02 -22.55 -16.27
C GLN A 41 -1.36 -21.18 -16.37
N SER A 42 -1.96 -20.31 -17.17
CA SER A 42 -1.37 -19.02 -17.47
C SER A 42 -1.64 -18.00 -16.36
N CYS A 43 -0.71 -17.06 -16.22
CA CYS A 43 -0.83 -15.93 -15.32
CA CYS A 43 -0.86 -15.91 -15.32
C CYS A 43 -0.65 -14.62 -16.08
N ASP A 44 -1.19 -14.55 -17.30
CA ASP A 44 -0.90 -13.43 -18.19
C ASP A 44 -1.40 -12.11 -17.63
N ILE A 45 -2.56 -12.12 -16.96
CA ILE A 45 -3.11 -10.88 -16.45
C ILE A 45 -2.21 -10.31 -15.34
N ALA A 46 -1.74 -11.19 -14.45
CA ALA A 46 -0.85 -10.75 -13.38
C ALA A 46 0.47 -10.21 -13.91
N LEU A 47 0.85 -10.60 -15.12
CA LEU A 47 2.11 -10.18 -15.73
C LEU A 47 1.98 -8.92 -16.57
N LEU A 48 0.79 -8.34 -16.65
CA LEU A 48 0.64 -7.09 -17.37
C LEU A 48 1.48 -6.01 -16.69
N PRO A 49 2.15 -5.14 -17.47
CA PRO A 49 3.00 -4.12 -16.83
C PRO A 49 2.30 -3.28 -15.80
N GLU A 50 1.04 -2.88 -16.06
CA GLU A 50 0.34 -1.99 -15.13
C GLU A 50 -0.07 -2.70 -13.84
N ASN A 51 0.10 -4.01 -13.74
CA ASN A 51 -0.15 -4.74 -12.51
C ASN A 51 1.13 -5.09 -11.77
N ARG A 52 2.29 -4.67 -12.29
CA ARG A 52 3.56 -5.14 -11.74
C ARG A 52 3.75 -4.68 -10.31
N GLY A 53 3.39 -3.43 -10.00
CA GLY A 53 3.51 -2.93 -8.65
C GLY A 53 2.51 -3.52 -7.67
N LYS A 54 1.57 -4.33 -8.14
CA LYS A 54 0.51 -4.88 -7.32
C LYS A 54 0.82 -6.28 -6.80
N ASN A 55 1.97 -6.84 -7.16
CA ASN A 55 2.38 -8.18 -6.75
C ASN A 55 3.54 -8.06 -5.77
N ARG A 56 3.37 -8.66 -4.59
CA ARG A 56 4.43 -8.61 -3.58
C ARG A 56 5.64 -9.43 -4.01
N TYR A 57 5.39 -10.58 -4.66
CA TYR A 57 6.44 -11.50 -5.08
C TYR A 57 6.29 -11.79 -6.56
N ASN A 58 7.40 -11.65 -7.32
CA ASN A 58 7.35 -11.95 -8.74
C ASN A 58 6.88 -13.37 -9.00
N ASN A 59 7.27 -14.32 -8.15
CA ASN A 59 7.03 -15.72 -8.41
C ASN A 59 5.70 -16.23 -7.88
N ILE A 60 4.89 -15.39 -7.25
CA ILE A 60 3.61 -15.81 -6.68
C ILE A 60 2.54 -14.95 -7.33
N LEU A 61 1.97 -15.45 -8.42
CA LEU A 61 0.93 -14.78 -9.17
C LEU A 61 -0.30 -15.66 -9.28
N PRO A 62 -1.49 -15.08 -9.30
CA PRO A 62 -2.70 -15.88 -9.50
C PRO A 62 -2.87 -16.32 -10.95
N TYR A 63 -3.46 -17.49 -11.11
CA TYR A 63 -3.79 -17.98 -12.44
C TYR A 63 -4.97 -17.19 -13.01
N ASP A 64 -4.91 -16.92 -14.31
CA ASP A 64 -6.04 -16.25 -14.96
C ASP A 64 -7.35 -17.00 -14.68
N ALA A 65 -7.31 -18.33 -14.65
CA ALA A 65 -8.54 -19.11 -14.57
C ALA A 65 -9.21 -19.03 -13.20
N THR A 66 -8.49 -18.61 -12.15
CA THR A 66 -9.05 -18.64 -10.80
C THR A 66 -8.89 -17.33 -10.03
N ARG A 67 -8.36 -16.28 -10.64
CA ARG A 67 -8.10 -15.04 -9.92
C ARG A 67 -9.42 -14.35 -9.55
N VAL A 68 -9.37 -13.57 -8.48
CA VAL A 68 -10.51 -12.76 -8.03
C VAL A 68 -10.44 -11.42 -8.75
N LYS A 69 -11.58 -10.98 -9.30
CA LYS A 69 -11.64 -9.76 -10.10
C LYS A 69 -12.40 -8.67 -9.35
N LEU A 70 -11.83 -7.47 -9.33
CA LEU A 70 -12.49 -6.30 -8.79
C LEU A 70 -13.38 -5.66 -9.86
N SER A 71 -14.40 -4.93 -9.42
CA SER A 71 -15.23 -4.18 -10.35
C SER A 71 -14.36 -3.18 -11.11
N ASN A 72 -14.62 -3.05 -12.40
CA ASN A 72 -13.78 -2.21 -13.25
C ASN A 72 -14.01 -0.73 -12.95
N VAL A 73 -12.92 0.02 -12.88
CA VAL A 73 -12.95 1.46 -12.69
C VAL A 73 -12.67 2.12 -14.04
N ASP A 74 -13.50 3.10 -14.40
CA ASP A 74 -13.34 3.77 -15.68
C ASP A 74 -11.95 4.38 -15.80
N ASP A 75 -11.46 4.47 -17.03
CA ASP A 75 -10.16 5.04 -17.35
C ASP A 75 -9.01 4.21 -16.80
N ASP A 76 -9.22 2.92 -16.56
CA ASP A 76 -8.16 2.04 -16.08
C ASP A 76 -8.51 0.60 -16.41
N PRO A 77 -8.00 0.05 -17.52
CA PRO A 77 -8.38 -1.33 -17.87
C PRO A 77 -7.88 -2.36 -16.87
N CYS A 78 -6.79 -2.07 -16.16
CA CYS A 78 -6.22 -3.01 -15.19
C CYS A 78 -6.71 -2.77 -13.78
N SER A 79 -7.77 -1.98 -13.61
CA SER A 79 -8.33 -1.71 -12.30
C SER A 79 -9.02 -2.92 -11.69
N ASP A 80 -9.14 -4.03 -12.43
CA ASP A 80 -9.82 -5.21 -11.90
C ASP A 80 -8.87 -6.17 -11.20
N TYR A 81 -7.58 -5.89 -11.19
CA TYR A 81 -6.60 -6.86 -10.75
C TYR A 81 -6.30 -6.75 -9.26
N ILE A 82 -6.27 -7.90 -8.60
CA ILE A 82 -5.69 -8.05 -7.27
C ILE A 82 -5.05 -9.43 -7.22
N ASN A 83 -3.92 -9.53 -6.52
CA ASN A 83 -3.26 -10.82 -6.38
C ASN A 83 -4.06 -11.66 -5.40
N ALA A 84 -5.06 -12.39 -5.90
CA ALA A 84 -5.97 -13.18 -5.07
C ALA A 84 -6.59 -14.26 -5.93
N SER A 85 -6.96 -15.36 -5.28
CA SER A 85 -7.47 -16.55 -5.97
C SER A 85 -8.63 -17.18 -5.19
N TYR A 86 -9.63 -17.65 -5.92
CA TYR A 86 -10.69 -18.45 -5.35
C TYR A 86 -10.21 -19.88 -5.07
N ILE A 87 -10.67 -20.45 -3.97
CA ILE A 87 -10.26 -21.80 -3.55
C ILE A 87 -11.49 -22.60 -3.14
N PRO A 88 -11.70 -23.79 -3.69
CA PRO A 88 -12.83 -24.62 -3.21
C PRO A 88 -12.57 -25.15 -1.80
N GLY A 89 -13.65 -25.48 -1.12
CA GLY A 89 -13.59 -26.11 0.16
C GLY A 89 -14.42 -27.37 0.18
N ASN A 90 -14.85 -27.80 1.37
CA ASN A 90 -15.65 -29.02 1.45
C ASN A 90 -17.06 -28.84 0.91
N ASN A 91 -17.58 -27.60 0.85
CA ASN A 91 -18.98 -27.39 0.53
C ASN A 91 -19.25 -26.33 -0.53
N PHE A 92 -18.25 -25.55 -0.93
CA PHE A 92 -18.47 -24.51 -1.94
C PHE A 92 -17.28 -24.44 -2.88
N ARG A 93 -17.57 -24.23 -4.17
CA ARG A 93 -16.50 -24.01 -5.14
C ARG A 93 -15.68 -22.77 -4.79
N ARG A 94 -16.31 -21.75 -4.21
CA ARG A 94 -15.60 -20.54 -3.82
C ARG A 94 -15.69 -20.34 -2.31
N GLU A 95 -15.20 -21.33 -1.56
CA GLU A 95 -15.29 -21.26 -0.11
C GLU A 95 -14.27 -20.30 0.49
N TYR A 96 -13.10 -20.17 -0.14
CA TYR A 96 -12.07 -19.29 0.36
C TYR A 96 -11.57 -18.36 -0.75
N ILE A 97 -11.12 -17.18 -0.35
CA ILE A 97 -10.28 -16.32 -1.18
C ILE A 97 -8.92 -16.27 -0.50
N VAL A 98 -7.87 -16.62 -1.24
CA VAL A 98 -6.51 -16.51 -0.74
C VAL A 98 -5.85 -15.34 -1.45
N THR A 99 -5.07 -14.57 -0.71
CA THR A 99 -4.43 -13.39 -1.27
C THR A 99 -3.10 -13.17 -0.56
N GLN A 100 -2.30 -12.28 -1.13
CA GLN A 100 -1.04 -11.87 -0.53
C GLN A 100 -1.30 -10.89 0.61
N GLY A 101 -0.27 -10.69 1.44
CA GLY A 101 -0.30 -9.59 2.37
C GLY A 101 -0.35 -8.27 1.62
N PRO A 102 -1.38 -7.47 1.85
CA PRO A 102 -1.54 -6.23 1.08
C PRO A 102 -0.33 -5.31 1.18
N LEU A 103 -0.05 -4.62 0.08
CA LEU A 103 0.93 -3.54 0.03
C LEU A 103 0.24 -2.22 0.35
N PRO A 104 1.00 -1.17 0.68
CA PRO A 104 0.35 0.13 0.86
C PRO A 104 -0.46 0.55 -0.36
N GLY A 105 0.04 0.26 -1.55
CA GLY A 105 -0.66 0.59 -2.78
C GLY A 105 -1.78 -0.34 -3.19
N THR A 106 -1.99 -1.46 -2.48
CA THR A 106 -3.09 -2.35 -2.79
C THR A 106 -4.08 -2.54 -1.64
N LYS A 107 -3.85 -1.91 -0.48
CA LYS A 107 -4.76 -2.21 0.63
C LYS A 107 -6.15 -1.63 0.38
N ASP A 108 -6.26 -0.56 -0.40
CA ASP A 108 -7.59 -0.12 -0.84
C ASP A 108 -8.27 -1.20 -1.68
N ASP A 109 -7.50 -1.83 -2.59
CA ASP A 109 -8.04 -2.92 -3.39
C ASP A 109 -8.45 -4.10 -2.51
N PHE A 110 -7.65 -4.42 -1.49
CA PHE A 110 -7.98 -5.52 -0.58
C PHE A 110 -9.34 -5.30 0.05
N TRP A 111 -9.59 -4.11 0.58
CA TRP A 111 -10.88 -3.86 1.22
C TRP A 111 -12.01 -3.78 0.21
N LYS A 112 -11.74 -3.27 -0.99
CA LYS A 112 -12.75 -3.33 -2.04
C LYS A 112 -13.17 -4.77 -2.30
N MET A 113 -12.20 -5.68 -2.36
CA MET A 113 -12.51 -7.10 -2.56
C MET A 113 -13.34 -7.64 -1.39
N VAL A 114 -12.89 -7.38 -0.16
CA VAL A 114 -13.65 -7.79 1.02
C VAL A 114 -15.10 -7.36 0.88
N TRP A 115 -15.31 -6.09 0.50
CA TRP A 115 -16.67 -5.57 0.42
C TRP A 115 -17.45 -6.24 -0.71
N GLU A 116 -16.85 -6.29 -1.90
CA GLU A 116 -17.58 -6.77 -3.06
C GLU A 116 -17.84 -8.27 -2.99
N GLN A 117 -16.99 -9.03 -2.33
CA GLN A 117 -17.16 -10.47 -2.24
C GLN A 117 -17.94 -10.89 -0.99
N ASN A 118 -18.55 -9.93 -0.29
CA ASN A 118 -19.38 -10.21 0.88
C ASN A 118 -18.61 -11.01 1.93
N VAL A 119 -17.37 -10.61 2.16
CA VAL A 119 -16.51 -11.30 3.11
C VAL A 119 -16.89 -10.88 4.53
N HIS A 120 -17.07 -11.86 5.41
CA HIS A 120 -17.36 -11.60 6.82
C HIS A 120 -16.25 -12.08 7.74
N ASN A 121 -15.30 -12.86 7.24
CA ASN A 121 -14.24 -13.42 8.07
C ASN A 121 -12.93 -13.35 7.31
N ILE A 122 -11.90 -12.84 7.99
CA ILE A 122 -10.55 -12.75 7.44
C ILE A 122 -9.61 -13.49 8.37
N VAL A 123 -8.76 -14.33 7.81
CA VAL A 123 -7.75 -15.08 8.56
C VAL A 123 -6.38 -14.62 8.10
N MET A 124 -5.55 -14.21 9.05
CA MET A 124 -4.19 -13.74 8.80
C MET A 124 -3.24 -14.61 9.59
N VAL A 125 -2.31 -15.28 8.89
CA VAL A 125 -1.39 -16.20 9.56
C VAL A 125 0.05 -15.77 9.31
N THR A 126 0.26 -14.47 9.17
CA THR A 126 1.60 -13.90 9.14
C THR A 126 1.62 -12.69 10.07
N GLN A 127 2.79 -12.39 10.61
CA GLN A 127 3.00 -11.08 11.22
C GLN A 127 3.36 -10.08 10.13
N CYS A 128 3.21 -8.79 10.45
CA CYS A 128 3.54 -7.75 9.49
C CYS A 128 5.03 -7.69 9.22
N VAL A 129 5.84 -7.89 10.26
CA VAL A 129 7.30 -7.94 10.16
C VAL A 129 7.76 -9.21 10.86
N GLU A 130 8.67 -9.94 10.23
CA GLU A 130 9.21 -11.17 10.78
C GLU A 130 10.71 -11.20 10.53
N LYS A 131 11.49 -11.33 11.60
CA LYS A 131 12.95 -11.38 11.51
C LYS A 131 13.49 -10.19 10.72
N GLY A 132 12.87 -9.02 10.92
CA GLY A 132 13.32 -7.80 10.31
C GLY A 132 12.88 -7.58 8.87
N ARG A 133 12.07 -8.48 8.31
CA ARG A 133 11.63 -8.37 6.93
C ARG A 133 10.14 -8.03 6.89
N VAL A 134 9.78 -7.04 6.07
CA VAL A 134 8.37 -6.70 5.90
C VAL A 134 7.68 -7.84 5.16
N LYS A 135 6.61 -8.37 5.77
CA LYS A 135 5.83 -9.45 5.19
C LYS A 135 4.43 -9.02 4.79
N CYS A 136 3.90 -7.97 5.40
CA CYS A 136 2.53 -7.55 5.18
C CYS A 136 2.37 -6.14 5.72
N ASP A 137 1.58 -5.32 5.03
CA ASP A 137 1.29 -3.97 5.49
C ASP A 137 0.20 -4.02 6.56
N HIS A 138 0.31 -3.16 7.56
CA HIS A 138 -0.72 -3.05 8.60
C HIS A 138 -1.94 -2.38 7.97
N TYR A 139 -2.76 -3.19 7.31
CA TYR A 139 -3.79 -2.69 6.42
C TYR A 139 -5.13 -2.42 7.12
N TRP A 140 -5.20 -2.59 8.43
CA TRP A 140 -6.40 -2.32 9.20
C TRP A 140 -6.13 -1.19 10.18
N PRO A 141 -7.18 -0.57 10.74
CA PRO A 141 -6.98 0.57 11.62
C PRO A 141 -6.16 0.21 12.85
N ALA A 142 -5.39 1.18 13.34
CA ALA A 142 -4.58 0.99 14.53
C ALA A 142 -5.30 1.35 15.82
N ASP A 143 -6.48 1.98 15.72
CA ASP A 143 -7.25 2.35 16.90
C ASP A 143 -8.74 2.30 16.53
N GLN A 144 -9.58 2.81 17.43
CA GLN A 144 -11.03 2.75 17.24
C GLN A 144 -11.57 3.87 16.35
N ASP A 145 -10.72 4.76 15.86
CA ASP A 145 -11.19 5.84 15.00
C ASP A 145 -11.39 5.33 13.58
N SER A 146 -12.55 5.61 13.00
CA SER A 146 -12.85 5.15 11.66
C SER A 146 -12.06 5.93 10.62
N LEU A 147 -11.77 5.28 9.50
CA LEU A 147 -11.08 5.93 8.40
C LEU A 147 -11.50 5.26 7.10
N TYR A 148 -11.34 6.01 6.01
CA TYR A 148 -11.75 5.54 4.70
C TYR A 148 -10.60 4.78 4.03
N TYR A 149 -10.93 3.65 3.44
CA TYR A 149 -10.04 2.93 2.51
C TYR A 149 -10.72 3.03 1.15
N GLY A 150 -10.30 4.00 0.35
CA GLY A 150 -11.04 4.29 -0.86
C GLY A 150 -12.40 4.88 -0.49
N ASP A 151 -13.46 4.29 -1.04
CA ASP A 151 -14.82 4.73 -0.77
C ASP A 151 -15.50 3.93 0.34
N LEU A 152 -14.71 3.20 1.14
CA LEU A 152 -15.23 2.33 2.18
C LEU A 152 -14.78 2.83 3.54
N ILE A 153 -15.71 2.90 4.49
CA ILE A 153 -15.43 3.32 5.85
C ILE A 153 -15.18 2.07 6.69
N LEU A 154 -14.07 2.07 7.42
CA LEU A 154 -13.71 0.95 8.28
C LEU A 154 -13.48 1.46 9.69
N GLN A 155 -13.92 0.68 10.67
CA GLN A 155 -13.75 1.03 12.08
C GLN A 155 -13.52 -0.25 12.87
N MET A 156 -12.45 -0.27 13.66
CA MET A 156 -12.17 -1.40 14.54
C MET A 156 -13.01 -1.27 15.81
N LEU A 157 -13.85 -2.26 16.07
CA LEU A 157 -14.73 -2.22 17.22
C LEU A 157 -14.10 -2.88 18.45
N SER A 158 -13.28 -3.90 18.26
CA SER A 158 -12.68 -4.60 19.39
C SER A 158 -11.34 -5.20 18.96
N GLU A 159 -10.50 -5.49 19.95
CA GLU A 159 -9.20 -6.10 19.69
C GLU A 159 -8.78 -6.84 20.95
N SER A 160 -8.63 -8.16 20.85
CA SER A 160 -8.23 -9.00 21.97
C SER A 160 -6.91 -9.66 21.60
N VAL A 161 -5.84 -9.30 22.30
CA VAL A 161 -4.50 -9.76 21.99
C VAL A 161 -4.13 -10.87 22.96
N LEU A 162 -3.98 -12.08 22.45
CA LEU A 162 -3.50 -13.22 23.21
C LEU A 162 -2.10 -13.62 22.77
N PRO A 163 -1.39 -14.42 23.56
CA PRO A 163 -0.01 -14.78 23.17
C PRO A 163 0.10 -15.43 21.80
N GLU A 164 -0.88 -16.24 21.39
CA GLU A 164 -0.76 -16.99 20.14
C GLU A 164 -1.59 -16.42 18.99
N TRP A 165 -2.67 -15.70 19.27
CA TRP A 165 -3.42 -15.04 18.22
C TRP A 165 -4.14 -13.81 18.77
N THR A 166 -4.65 -13.01 17.84
CA THR A 166 -5.41 -11.78 18.15
C THR A 166 -6.68 -11.79 17.31
N ILE A 167 -7.81 -11.51 17.93
CA ILE A 167 -9.10 -11.45 17.25
C ILE A 167 -9.60 -10.02 17.29
N ARG A 168 -9.97 -9.49 16.13
CA ARG A 168 -10.49 -8.14 16.00
C ARG A 168 -11.85 -8.19 15.31
N GLU A 169 -12.64 -7.14 15.54
CA GLU A 169 -13.93 -6.97 14.90
C GLU A 169 -13.98 -5.60 14.26
N PHE A 170 -14.28 -5.56 12.97
CA PHE A 170 -14.37 -4.32 12.21
C PHE A 170 -15.80 -4.07 11.76
N LYS A 171 -16.12 -2.80 11.58
CA LYS A 171 -17.36 -2.36 10.96
C LYS A 171 -17.00 -1.77 9.60
N ILE A 172 -17.64 -2.27 8.55
CA ILE A 172 -17.38 -1.80 7.20
C ILE A 172 -18.69 -1.35 6.57
N CYS A 173 -18.63 -0.31 5.76
CA CYS A 173 -19.82 0.17 5.05
C CYS A 173 -19.37 1.10 3.95
N GLY A 174 -20.23 1.24 2.93
CA GLY A 174 -19.99 2.20 1.88
C GLY A 174 -20.43 3.59 2.28
N GLU A 175 -19.76 4.59 1.70
CA GLU A 175 -20.05 5.98 2.04
C GLU A 175 -21.45 6.40 1.59
N GLU A 176 -22.03 5.71 0.59
CA GLU A 176 -23.33 6.11 0.08
C GLU A 176 -24.47 5.55 0.93
N GLN A 177 -24.31 4.35 1.48
CA GLN A 177 -25.33 3.70 2.30
C GLN A 177 -24.69 3.34 3.64
N LEU A 178 -24.74 4.28 4.59
CA LEU A 178 -24.15 4.03 5.91
C LEU A 178 -24.95 3.00 6.70
N ASP A 179 -26.25 2.87 6.43
CA ASP A 179 -27.08 1.91 7.15
C ASP A 179 -26.79 0.48 6.73
N ALA A 180 -26.15 0.27 5.58
CA ALA A 180 -25.84 -1.07 5.08
C ALA A 180 -24.47 -1.54 5.56
N HIS A 181 -24.23 -1.43 6.86
CA HIS A 181 -22.94 -1.79 7.43
C HIS A 181 -22.86 -3.30 7.67
N ARG A 182 -21.63 -3.79 7.73
CA ARG A 182 -21.35 -5.22 7.89
C ARG A 182 -20.28 -5.41 8.94
N LEU A 183 -20.44 -6.47 9.75
CA LEU A 183 -19.46 -6.84 10.75
C LEU A 183 -18.47 -7.82 10.12
N ILE A 184 -17.18 -7.57 10.32
CA ILE A 184 -16.11 -8.45 9.84
C ILE A 184 -15.28 -8.87 11.04
N ARG A 185 -15.02 -10.18 11.13
CA ARG A 185 -14.14 -10.71 12.17
C ARG A 185 -12.78 -11.04 11.56
N HIS A 186 -11.73 -10.70 12.31
CA HIS A 186 -10.35 -10.82 11.86
C HIS A 186 -9.60 -11.70 12.84
N PHE A 187 -9.07 -12.81 12.35
CA PHE A 187 -8.39 -13.82 13.18
C PHE A 187 -6.92 -13.84 12.80
N HIS A 188 -6.07 -13.33 13.70
CA HIS A 188 -4.65 -13.09 13.41
C HIS A 188 -3.81 -14.06 14.25
N TYR A 189 -3.32 -15.11 13.59
CA TYR A 189 -2.41 -16.07 14.21
C TYR A 189 -0.99 -15.52 14.10
N THR A 190 -0.34 -15.32 15.25
CA THR A 190 0.86 -14.50 15.30
C THR A 190 2.13 -15.28 15.64
N VAL A 191 2.06 -16.61 15.72
CA VAL A 191 3.21 -17.40 16.11
C VAL A 191 3.48 -18.51 15.11
N TRP A 192 3.38 -18.20 13.82
CA TRP A 192 3.61 -19.17 12.74
C TRP A 192 4.76 -18.67 11.87
N PRO A 193 5.96 -19.24 12.00
CA PRO A 193 7.09 -18.73 11.22
C PRO A 193 6.92 -18.98 9.72
N ASP A 194 7.32 -17.98 8.93
CA ASP A 194 7.29 -18.12 7.48
C ASP A 194 8.12 -19.33 7.05
N HIS A 195 7.57 -20.09 6.10
CA HIS A 195 8.19 -21.29 5.55
C HIS A 195 8.28 -22.43 6.56
N GLY A 196 7.66 -22.30 7.73
CA GLY A 196 7.77 -23.28 8.79
C GLY A 196 6.39 -23.69 9.30
N VAL A 197 6.38 -24.17 10.54
CA VAL A 197 5.15 -24.61 11.18
C VAL A 197 5.12 -24.13 12.63
N PRO A 198 3.93 -24.08 13.22
CA PRO A 198 3.84 -23.76 14.66
C PRO A 198 4.55 -24.81 15.50
N GLU A 199 4.85 -24.43 16.75
CA GLU A 199 5.61 -25.31 17.64
C GLU A 199 4.81 -26.52 18.10
N THR A 200 3.49 -26.44 18.10
CA THR A 200 2.64 -27.57 18.48
C THR A 200 1.50 -27.71 17.48
N THR A 201 0.94 -28.92 17.41
CA THR A 201 -0.29 -29.11 16.65
C THR A 201 -1.47 -28.50 17.39
N GLN A 202 -1.49 -28.65 18.72
CA GLN A 202 -2.64 -28.22 19.50
C GLN A 202 -2.96 -26.75 19.26
N SER A 203 -1.91 -25.92 19.08
CA SER A 203 -2.13 -24.48 18.94
C SER A 203 -2.95 -24.18 17.68
N LEU A 204 -2.51 -24.68 16.53
CA LEU A 204 -3.20 -24.35 15.28
C LEU A 204 -4.55 -25.08 15.17
N ILE A 205 -4.65 -26.28 15.75
CA ILE A 205 -5.94 -26.95 15.80
C ILE A 205 -6.95 -26.08 16.54
N GLN A 206 -6.58 -25.59 17.72
CA GLN A 206 -7.47 -24.72 18.47
C GLN A 206 -7.82 -23.47 17.68
N PHE A 207 -6.85 -22.90 16.98
CA PHE A 207 -7.10 -21.69 16.19
C PHE A 207 -8.06 -21.99 15.05
N VAL A 208 -7.80 -23.08 14.31
CA VAL A 208 -8.66 -23.44 13.19
C VAL A 208 -10.09 -23.70 13.68
N ARG A 209 -10.24 -24.43 14.79
CA ARG A 209 -11.57 -24.68 15.31
C ARG A 209 -12.25 -23.39 15.73
N THR A 210 -11.49 -22.46 16.32
CA THR A 210 -12.06 -21.18 16.71
C THR A 210 -12.62 -20.45 15.50
N VAL A 211 -11.85 -20.43 14.40
CA VAL A 211 -12.29 -19.75 13.18
C VAL A 211 -13.49 -20.44 12.58
N ARG A 212 -13.39 -21.76 12.37
CA ARG A 212 -14.49 -22.51 11.74
C ARG A 212 -15.80 -22.31 12.50
N ASP A 213 -15.76 -22.33 13.83
CA ASP A 213 -17.00 -22.12 14.59
C ASP A 213 -17.59 -20.74 14.31
N TYR A 214 -16.74 -19.74 14.03
CA TYR A 214 -17.27 -18.44 13.66
C TYR A 214 -17.78 -18.43 12.22
N ILE A 215 -17.04 -19.05 11.30
CA ILE A 215 -17.50 -19.14 9.91
C ILE A 215 -18.89 -19.76 9.85
N ASN A 216 -19.10 -20.84 10.60
CA ASN A 216 -20.38 -21.55 10.54
C ASN A 216 -21.55 -20.72 11.06
N ARG A 217 -21.30 -19.61 11.75
CA ARG A 217 -22.37 -18.73 12.19
C ARG A 217 -22.71 -17.65 11.16
N SER A 218 -22.06 -17.66 10.00
CA SER A 218 -22.31 -16.70 8.92
C SER A 218 -22.65 -17.48 7.65
N PRO A 219 -23.79 -18.17 7.62
CA PRO A 219 -24.08 -19.06 6.48
C PRO A 219 -24.28 -18.34 5.16
N GLY A 220 -24.77 -17.10 5.18
CA GLY A 220 -24.97 -16.34 3.96
C GLY A 220 -23.76 -15.54 3.52
N ALA A 221 -22.61 -15.74 4.15
CA ALA A 221 -21.45 -14.93 3.86
C ALA A 221 -20.71 -15.43 2.63
N GLY A 222 -19.96 -14.53 2.00
CA GLY A 222 -19.14 -14.89 0.88
C GLY A 222 -17.95 -15.71 1.31
N PRO A 223 -16.93 -15.81 0.46
CA PRO A 223 -15.75 -16.61 0.82
C PRO A 223 -15.07 -16.10 2.07
N THR A 224 -14.38 -17.01 2.75
CA THR A 224 -13.49 -16.65 3.84
C THR A 224 -12.12 -16.27 3.27
N VAL A 225 -11.64 -15.08 3.61
CA VAL A 225 -10.32 -14.63 3.17
C VAL A 225 -9.26 -15.24 4.08
N VAL A 226 -8.25 -15.85 3.48
CA VAL A 226 -7.09 -16.36 4.21
C VAL A 226 -5.85 -15.80 3.55
N HIS A 227 -4.93 -15.25 4.35
CA HIS A 227 -3.70 -14.75 3.76
C HIS A 227 -2.55 -14.84 4.74
N CYS A 228 -1.36 -14.97 4.17
CA CYS A 228 -0.09 -14.87 4.88
C CYS A 228 0.68 -13.75 4.19
N SER A 229 1.97 -13.95 3.90
CA SER A 229 2.68 -12.93 3.14
C SER A 229 2.45 -13.12 1.65
N ALA A 230 2.72 -14.32 1.14
CA ALA A 230 2.49 -14.66 -0.26
C ALA A 230 1.09 -15.19 -0.53
N GLY A 231 0.42 -15.72 0.49
CA GLY A 231 -0.84 -16.40 0.28
C GLY A 231 -0.63 -17.77 -0.29
N VAL A 232 0.30 -18.53 0.28
CA VAL A 232 0.70 -19.81 -0.30
C VAL A 232 0.96 -20.86 0.77
N GLY A 233 2.06 -20.72 1.51
CA GLY A 233 2.50 -21.79 2.40
C GLY A 233 1.67 -21.92 3.65
N ARG A 234 1.74 -20.90 4.51
CA ARG A 234 0.96 -20.92 5.73
C ARG A 234 -0.54 -20.85 5.42
N THR A 235 -0.92 -20.06 4.40
CA THR A 235 -2.32 -20.01 4.00
C THR A 235 -2.81 -21.37 3.52
N GLY A 236 -2.01 -22.04 2.68
CA GLY A 236 -2.44 -23.34 2.18
C GLY A 236 -2.57 -24.37 3.29
N THR A 237 -1.65 -24.33 4.26
CA THR A 237 -1.72 -25.27 5.36
C THR A 237 -2.94 -25.02 6.23
N PHE A 238 -3.27 -23.74 6.49
CA PHE A 238 -4.48 -23.44 7.25
C PHE A 238 -5.71 -24.01 6.56
N ILE A 239 -5.85 -23.76 5.26
CA ILE A 239 -7.05 -24.22 4.55
C ILE A 239 -7.10 -25.75 4.53
N ALA A 240 -5.98 -26.39 4.24
CA ALA A 240 -5.96 -27.86 4.26
C ALA A 240 -6.38 -28.38 5.63
N LEU A 241 -5.86 -27.78 6.71
CA LEU A 241 -6.24 -28.25 8.04
C LEU A 241 -7.72 -28.00 8.30
N ASP A 242 -8.23 -26.82 7.91
CA ASP A 242 -9.65 -26.56 8.07
C ASP A 242 -10.48 -27.62 7.37
N ARG A 243 -10.09 -27.97 6.14
CA ARG A 243 -10.87 -28.94 5.38
C ARG A 243 -10.86 -30.32 6.04
N ILE A 244 -9.69 -30.77 6.48
CA ILE A 244 -9.60 -32.15 6.96
C ILE A 244 -10.19 -32.30 8.36
N LEU A 245 -10.12 -31.26 9.20
CA LEU A 245 -10.79 -31.35 10.49
C LEU A 245 -12.30 -31.45 10.32
N GLN A 246 -12.86 -30.74 9.33
CA GLN A 246 -14.28 -30.89 9.02
C GLN A 246 -14.60 -32.31 8.57
N GLN A 247 -13.79 -32.85 7.66
CA GLN A 247 -14.01 -34.21 7.18
C GLN A 247 -13.98 -35.20 8.34
N LEU A 248 -13.03 -35.05 9.26
CA LEU A 248 -12.93 -35.96 10.38
C LEU A 248 -14.15 -35.86 11.28
N ASP A 249 -14.61 -34.64 11.57
CA ASP A 249 -15.79 -34.48 12.42
C ASP A 249 -17.03 -35.04 11.75
N SER A 250 -17.16 -34.87 10.44
CA SER A 250 -18.27 -35.44 9.70
C SER A 250 -18.13 -36.94 9.49
N LYS A 251 -17.15 -37.57 10.12
CA LYS A 251 -16.88 -39.02 10.06
C LYS A 251 -16.40 -39.45 8.68
N ASP A 252 -16.26 -38.53 7.73
CA ASP A 252 -15.74 -38.88 6.43
C ASP A 252 -14.26 -39.28 6.55
N SER A 253 -13.72 -39.79 5.44
CA SER A 253 -12.31 -40.17 5.41
C SER A 253 -11.45 -38.95 5.11
N VAL A 254 -10.46 -38.69 5.97
CA VAL A 254 -9.53 -37.60 5.73
C VAL A 254 -8.76 -37.85 4.44
N ASP A 255 -8.63 -36.80 3.62
CA ASP A 255 -7.92 -36.87 2.34
C ASP A 255 -6.99 -35.66 2.24
N ILE A 256 -5.82 -35.77 2.86
CA ILE A 256 -4.88 -34.66 2.86
C ILE A 256 -4.32 -34.44 1.46
N TYR A 257 -3.91 -35.53 0.80
CA TYR A 257 -3.39 -35.43 -0.55
C TYR A 257 -4.39 -34.71 -1.46
N GLY A 258 -5.65 -35.13 -1.42
CA GLY A 258 -6.66 -34.53 -2.28
C GLY A 258 -6.88 -33.06 -2.00
N ALA A 259 -6.84 -32.68 -0.72
CA ALA A 259 -7.02 -31.27 -0.37
C ALA A 259 -5.89 -30.43 -0.95
N VAL A 260 -4.64 -30.89 -0.78
CA VAL A 260 -3.51 -30.11 -1.29
C VAL A 260 -3.51 -30.12 -2.81
N HIS A 261 -3.83 -31.26 -3.44
CA HIS A 261 -3.95 -31.31 -4.89
C HIS A 261 -4.94 -30.26 -5.39
N ASP A 262 -6.13 -30.22 -4.79
CA ASP A 262 -7.15 -29.25 -5.20
C ASP A 262 -6.66 -27.81 -4.99
N LEU A 263 -5.99 -27.55 -3.87
CA LEU A 263 -5.42 -26.23 -3.65
C LEU A 263 -4.46 -25.85 -4.77
N ARG A 264 -3.57 -26.77 -5.15
CA ARG A 264 -2.57 -26.47 -6.17
C ARG A 264 -3.22 -26.17 -7.51
N LEU A 265 -4.34 -26.82 -7.83
CA LEU A 265 -5.01 -26.54 -9.09
C LEU A 265 -5.46 -25.09 -9.17
N HIS A 266 -5.70 -24.44 -8.02
CA HIS A 266 -6.25 -23.11 -8.00
C HIS A 266 -5.24 -22.02 -7.68
N ARG A 267 -4.10 -22.36 -7.09
CA ARG A 267 -3.07 -21.36 -6.83
C ARG A 267 -1.73 -22.08 -6.64
N VAL A 268 -0.66 -21.44 -7.12
CA VAL A 268 0.65 -22.07 -7.08
C VAL A 268 1.12 -22.27 -5.64
N HIS A 269 1.88 -23.35 -5.42
CA HIS A 269 2.71 -23.62 -4.26
C HIS A 269 1.96 -23.81 -2.95
N MET A 270 0.62 -23.87 -2.97
CA MET A 270 -0.14 -24.00 -1.74
C MET A 270 0.38 -25.17 -0.91
N VAL A 271 0.64 -24.90 0.37
CA VAL A 271 1.40 -25.82 1.23
C VAL A 271 2.80 -25.91 0.64
N GLN A 272 3.66 -24.97 1.07
CA GLN A 272 4.91 -24.68 0.37
C GLN A 272 6.01 -25.69 0.64
N THR A 273 6.03 -26.32 1.82
CA THR A 273 7.15 -27.17 2.20
C THR A 273 6.66 -28.56 2.58
N GLU A 274 7.55 -29.54 2.46
CA GLU A 274 7.22 -30.89 2.90
C GLU A 274 6.95 -30.93 4.39
N CYS A 275 7.65 -30.11 5.18
N CYS A 275 7.64 -30.11 5.18
N CYS A 275 7.65 -30.11 5.18
CA CYS A 275 7.42 -30.11 6.62
CA CYS A 275 7.42 -30.11 6.62
CA CYS A 275 7.43 -30.09 6.62
C CYS A 275 6.02 -29.63 6.96
C CYS A 275 6.02 -29.61 6.97
C CYS A 275 6.00 -29.65 6.94
N GLN A 276 5.46 -28.71 6.16
CA GLN A 276 4.08 -28.30 6.36
C GLN A 276 3.13 -29.45 6.01
N TYR A 277 3.48 -30.21 4.98
CA TYR A 277 2.70 -31.40 4.62
C TYR A 277 2.74 -32.45 5.73
N VAL A 278 3.91 -32.65 6.33
CA VAL A 278 4.02 -33.56 7.47
C VAL A 278 3.17 -33.07 8.63
N TYR A 279 3.24 -31.76 8.91
CA TYR A 279 2.50 -31.20 10.03
C TYR A 279 1.01 -31.46 9.89
N LEU A 280 0.47 -31.39 8.68
CA LEU A 280 -0.95 -31.68 8.47
C LEU A 280 -1.29 -33.10 8.90
N HIS A 281 -0.43 -34.06 8.57
CA HIS A 281 -0.67 -35.44 9.03
C HIS A 281 -0.59 -35.53 10.55
N GLN A 282 0.39 -34.85 11.14
CA GLN A 282 0.56 -34.91 12.60
C GLN A 282 -0.66 -34.34 13.31
N CYS A 283 -1.26 -33.29 12.75
CA CYS A 283 -2.47 -32.73 13.35
C CYS A 283 -3.57 -33.78 13.42
N VAL A 284 -3.81 -34.48 12.30
CA VAL A 284 -4.87 -35.47 12.27
C VAL A 284 -4.58 -36.60 13.25
N ARG A 285 -3.34 -37.10 13.24
CA ARG A 285 -2.96 -38.14 14.19
C ARG A 285 -3.21 -37.69 15.63
N ASP A 286 -2.86 -36.44 15.95
CA ASP A 286 -3.00 -35.97 17.32
C ASP A 286 -4.47 -35.88 17.73
N VAL A 287 -5.33 -35.41 16.81
CA VAL A 287 -6.76 -35.38 17.10
C VAL A 287 -7.27 -36.80 17.38
N LEU A 288 -6.94 -37.74 16.49
CA LEU A 288 -7.43 -39.11 16.66
C LEU A 288 -6.97 -39.71 17.97
N ARG A 289 -5.70 -39.48 18.35
CA ARG A 289 -5.19 -40.06 19.59
C ARG A 289 -5.89 -39.47 20.80
N ALA A 290 -6.18 -38.16 20.78
CA ALA A 290 -6.93 -37.55 21.87
C ALA A 290 -8.34 -38.11 21.95
N ARG A 291 -8.93 -38.46 20.80
CA ARG A 291 -10.27 -39.04 20.80
C ARG A 291 -10.24 -40.53 21.10
N LYS A 292 -9.31 -41.27 20.49
CA LYS A 292 -9.19 -42.69 20.77
C LYS A 292 -8.89 -42.94 22.25
N LEU A 293 -8.28 -41.95 22.92
CA LEU A 293 -7.98 -42.12 24.34
C LEU A 293 -9.24 -42.41 25.15
N ARG A 294 -10.39 -41.85 24.73
CA ARG A 294 -11.65 -42.14 25.40
C ARG A 294 -12.27 -43.42 24.85
N SER A 295 -12.58 -43.44 23.56
CA SER A 295 -13.13 -44.62 22.91
C SER A 295 -14.36 -45.16 23.64
N LYS B 18 -19.02 35.57 -23.43
CA LYS B 18 -18.70 34.25 -23.96
C LYS B 18 -17.20 34.08 -24.15
N LEU B 19 -16.44 35.16 -23.99
CA LEU B 19 -14.99 35.07 -24.14
C LEU B 19 -14.38 34.13 -23.11
N GLN B 20 -15.02 33.98 -21.95
CA GLN B 20 -14.56 33.00 -20.98
C GLN B 20 -14.75 31.59 -21.49
N ALA B 21 -15.80 31.34 -22.29
CA ALA B 21 -16.00 30.01 -22.85
C ALA B 21 -14.95 29.72 -23.92
N ASP B 22 -14.57 30.72 -24.71
CA ASP B 22 -13.50 30.53 -25.68
C ASP B 22 -12.17 30.26 -24.97
N SER B 23 -11.90 30.97 -23.88
CA SER B 23 -10.67 30.73 -23.13
C SER B 23 -10.63 29.30 -22.60
N ASN B 24 -11.70 28.89 -21.91
CA ASN B 24 -11.73 27.53 -21.37
C ASN B 24 -11.62 26.47 -22.46
N TYR B 25 -12.18 26.75 -23.64
CA TYR B 25 -12.06 25.79 -24.73
C TYR B 25 -10.60 25.62 -25.15
N LEU B 26 -9.85 26.73 -25.22
CA LEU B 26 -8.44 26.64 -25.60
C LEU B 26 -7.63 25.95 -24.52
N LEU B 27 -7.90 26.26 -23.24
CA LEU B 27 -7.17 25.62 -22.16
C LEU B 27 -7.46 24.12 -22.11
N SER B 28 -8.72 23.74 -22.36
CA SER B 28 -9.06 22.32 -22.39
C SER B 28 -8.28 21.58 -23.46
N LYS B 29 -8.01 22.25 -24.60
CA LYS B 29 -7.26 21.60 -25.67
C LYS B 29 -5.78 21.49 -25.31
N GLU B 30 -5.21 22.54 -24.74
CA GLU B 30 -3.82 22.47 -24.30
C GLU B 30 -3.62 21.35 -23.28
N TYR B 31 -4.55 21.21 -22.33
CA TYR B 31 -4.46 20.14 -21.36
C TYR B 31 -4.47 18.77 -22.03
N GLU B 32 -5.19 18.63 -23.14
CA GLU B 32 -5.23 17.34 -23.82
C GLU B 32 -3.90 17.03 -24.49
N GLU B 33 -3.27 18.02 -25.13
CA GLU B 33 -1.99 17.78 -25.77
C GLU B 33 -0.93 17.32 -24.77
N LEU B 34 -1.04 17.78 -23.52
CA LEU B 34 -0.07 17.43 -22.49
C LEU B 34 -0.25 16.02 -21.94
N LYS B 35 -1.29 15.30 -22.36
CA LYS B 35 -1.65 14.05 -21.71
C LYS B 35 -0.49 13.05 -21.74
N ASP B 36 0.13 12.87 -22.91
CA ASP B 36 1.14 11.84 -23.08
C ASP B 36 2.57 12.35 -22.88
N VAL B 37 2.74 13.65 -22.59
CA VAL B 37 4.08 14.21 -22.52
C VAL B 37 4.88 13.49 -21.45
N GLY B 38 6.05 12.96 -21.84
CA GLY B 38 6.97 12.34 -20.93
C GLY B 38 6.69 10.91 -20.56
N ARG B 39 5.51 10.39 -20.91
CA ARG B 39 5.09 9.07 -20.43
C ARG B 39 5.75 7.91 -21.17
N ASN B 40 6.67 8.18 -22.09
CA ASN B 40 7.41 7.11 -22.75
C ASN B 40 8.65 6.68 -21.97
N GLN B 41 8.90 7.28 -20.80
CA GLN B 41 10.09 7.00 -20.02
C GLN B 41 9.84 5.88 -19.02
N SER B 42 10.89 5.13 -18.73
CA SER B 42 10.77 3.95 -17.89
C SER B 42 10.68 4.31 -16.41
N CYS B 43 9.95 3.48 -15.67
CA CYS B 43 9.84 3.56 -14.22
C CYS B 43 10.25 2.23 -13.59
N ASP B 44 11.21 1.54 -14.21
CA ASP B 44 11.49 0.16 -13.82
C ASP B 44 12.01 0.07 -12.39
N ILE B 45 12.85 1.01 -11.96
CA ILE B 45 13.42 0.92 -10.62
C ILE B 45 12.31 0.95 -9.57
N ALA B 46 11.34 1.85 -9.74
CA ALA B 46 10.26 1.98 -8.78
C ALA B 46 9.41 0.72 -8.70
N LEU B 47 9.45 -0.13 -9.72
CA LEU B 47 8.65 -1.34 -9.78
C LEU B 47 9.42 -2.61 -9.42
N LEU B 48 10.68 -2.50 -9.03
CA LEU B 48 11.40 -3.67 -8.56
C LEU B 48 10.72 -4.21 -7.30
N PRO B 49 10.75 -5.53 -7.09
CA PRO B 49 10.01 -6.10 -5.94
C PRO B 49 10.30 -5.42 -4.62
N GLU B 50 11.57 -5.15 -4.32
CA GLU B 50 11.90 -4.60 -3.00
C GLU B 50 11.46 -3.14 -2.84
N ASN B 51 11.01 -2.49 -3.92
CA ASN B 51 10.56 -1.10 -3.85
C ASN B 51 9.04 -0.96 -3.90
N ARG B 52 8.30 -2.03 -4.22
CA ARG B 52 6.86 -1.89 -4.41
C ARG B 52 6.15 -1.44 -3.15
N GLY B 53 6.64 -1.85 -1.98
CA GLY B 53 6.06 -1.40 -0.73
C GLY B 53 6.42 0.02 -0.35
N LYS B 54 7.27 0.68 -1.12
CA LYS B 54 7.69 2.05 -0.83
C LYS B 54 6.90 3.08 -1.61
N ASN B 55 5.92 2.64 -2.40
CA ASN B 55 5.10 3.52 -3.22
C ASN B 55 3.72 3.64 -2.59
N ARG B 56 3.28 4.87 -2.32
CA ARG B 56 1.94 5.09 -1.76
C ARG B 56 0.87 4.71 -2.78
N TYR B 57 1.09 5.04 -4.05
CA TYR B 57 0.19 4.68 -5.13
C TYR B 57 0.99 3.87 -6.15
N ASN B 58 0.49 2.68 -6.48
CA ASN B 58 1.30 1.82 -7.33
C ASN B 58 1.39 2.32 -8.77
N ASN B 59 0.64 3.36 -9.14
CA ASN B 59 0.68 3.92 -10.48
C ASN B 59 1.17 5.37 -10.51
N ILE B 60 1.76 5.86 -9.42
CA ILE B 60 2.43 7.17 -9.40
C ILE B 60 3.88 6.90 -9.02
N LEU B 61 4.76 6.88 -10.01
CA LEU B 61 6.13 6.43 -9.81
C LEU B 61 7.09 7.42 -10.46
N PRO B 62 8.28 7.57 -9.90
CA PRO B 62 9.28 8.43 -10.55
C PRO B 62 9.88 7.76 -11.76
N TYR B 63 10.19 8.57 -12.76
CA TYR B 63 10.97 8.08 -13.89
C TYR B 63 12.39 7.74 -13.44
N ASP B 64 12.93 6.63 -13.98
CA ASP B 64 14.30 6.26 -13.70
C ASP B 64 15.26 7.41 -13.98
N ALA B 65 15.00 8.17 -15.04
CA ALA B 65 15.95 9.18 -15.50
C ALA B 65 15.98 10.41 -14.60
N THR B 66 14.97 10.63 -13.76
CA THR B 66 14.93 11.83 -12.93
C THR B 66 14.72 11.54 -11.45
N ARG B 67 14.82 10.29 -11.02
CA ARG B 67 14.53 9.96 -9.63
C ARG B 67 15.65 10.46 -8.72
N VAL B 68 15.28 10.76 -7.47
CA VAL B 68 16.24 11.13 -6.44
C VAL B 68 16.72 9.84 -5.79
N LYS B 69 18.03 9.68 -5.70
CA LYS B 69 18.62 8.48 -5.12
C LYS B 69 19.08 8.75 -3.70
N LEU B 70 18.82 7.79 -2.81
CA LEU B 70 19.38 7.84 -1.47
C LEU B 70 20.83 7.37 -1.54
N SER B 71 21.68 8.00 -0.73
CA SER B 71 23.12 7.74 -0.81
C SER B 71 23.58 6.74 0.25
N ASN B 72 23.51 7.12 1.52
CA ASN B 72 24.01 6.31 2.63
C ASN B 72 23.11 5.08 2.81
N VAL B 73 23.28 4.12 1.91
CA VAL B 73 22.39 2.96 1.83
C VAL B 73 23.19 1.67 1.81
N ASP B 74 22.60 0.63 2.39
CA ASP B 74 23.23 -0.69 2.43
C ASP B 74 22.18 -1.79 2.26
N CYS B 78 17.94 -2.55 -3.63
CA CYS B 78 17.09 -1.41 -3.95
C CYS B 78 17.05 -0.39 -2.81
N SER B 79 18.09 -0.42 -1.97
CA SER B 79 18.14 0.45 -0.81
C SER B 79 18.27 1.93 -1.18
N ASP B 80 18.52 2.26 -2.44
CA ASP B 80 18.69 3.66 -2.82
C ASP B 80 17.39 4.32 -3.24
N TYR B 81 16.25 3.64 -3.08
CA TYR B 81 15.01 4.10 -3.70
C TYR B 81 14.15 4.94 -2.77
N ILE B 82 13.68 6.08 -3.27
CA ILE B 82 12.59 6.84 -2.68
C ILE B 82 11.73 7.33 -3.84
N ASN B 83 10.42 7.40 -3.61
CA ASN B 83 9.49 7.88 -4.63
C ASN B 83 9.60 9.40 -4.63
N ALA B 84 10.56 9.91 -5.42
CA ALA B 84 10.86 11.33 -5.48
C ALA B 84 11.59 11.63 -6.78
N SER B 85 11.46 12.87 -7.25
CA SER B 85 11.98 13.28 -8.55
C SER B 85 12.56 14.69 -8.49
N TYR B 86 13.63 14.91 -9.24
CA TYR B 86 14.14 16.26 -9.46
C TYR B 86 13.27 16.99 -10.49
N ILE B 87 12.99 18.26 -10.23
CA ILE B 87 12.18 19.08 -11.13
C ILE B 87 12.92 20.38 -11.44
N PRO B 88 13.02 20.80 -12.69
CA PRO B 88 13.65 22.09 -12.99
C PRO B 88 12.74 23.26 -12.65
N GLY B 89 13.37 24.40 -12.41
CA GLY B 89 12.65 25.64 -12.23
C GLY B 89 13.13 26.72 -13.18
N ASN B 90 12.86 27.98 -12.84
CA ASN B 90 13.34 29.09 -13.66
C ASN B 90 14.86 29.28 -13.56
N ASN B 91 15.48 28.77 -12.50
CA ASN B 91 16.87 29.08 -12.18
C ASN B 91 17.81 27.89 -12.21
N PHE B 92 17.32 26.69 -11.87
CA PHE B 92 18.18 25.52 -11.75
C PHE B 92 17.49 24.30 -12.35
N ARG B 93 18.29 23.35 -12.84
CA ARG B 93 17.74 22.09 -13.34
C ARG B 93 17.21 21.21 -12.21
N ARG B 94 17.83 21.27 -11.03
CA ARG B 94 17.37 20.51 -9.89
C ARG B 94 16.86 21.47 -8.82
N GLU B 95 15.92 22.35 -9.22
CA GLU B 95 15.45 23.40 -8.32
C GLU B 95 14.49 22.87 -7.27
N TYR B 96 13.69 21.85 -7.60
CA TYR B 96 12.79 21.23 -6.64
C TYR B 96 13.05 19.73 -6.59
N ILE B 97 12.72 19.15 -5.44
CA ILE B 97 12.51 17.70 -5.30
C ILE B 97 11.04 17.52 -4.98
N VAL B 98 10.34 16.73 -5.77
CA VAL B 98 8.95 16.41 -5.51
C VAL B 98 8.89 14.97 -5.04
N THR B 99 8.02 14.71 -4.07
CA THR B 99 7.93 13.38 -3.49
C THR B 99 6.49 13.13 -3.07
N GLN B 100 6.16 11.86 -2.87
CA GLN B 100 4.86 11.50 -2.33
C GLN B 100 4.79 11.88 -0.85
N GLY B 101 3.56 11.90 -0.34
CA GLY B 101 3.37 11.97 1.09
C GLY B 101 4.02 10.76 1.74
N PRO B 102 4.97 10.99 2.65
CA PRO B 102 5.71 9.86 3.24
C PRO B 102 4.78 8.83 3.86
N LEU B 103 5.13 7.56 3.68
CA LEU B 103 4.48 6.46 4.36
C LEU B 103 5.12 6.23 5.71
N PRO B 104 4.43 5.56 6.63
CA PRO B 104 5.07 5.19 7.90
C PRO B 104 6.41 4.52 7.70
N GLY B 105 6.52 3.65 6.70
CA GLY B 105 7.75 2.93 6.43
C GLY B 105 8.76 3.66 5.58
N THR B 106 8.46 4.88 5.12
CA THR B 106 9.41 5.63 4.30
C THR B 106 9.78 6.99 4.88
N LYS B 107 9.25 7.38 6.03
CA LYS B 107 9.56 8.73 6.50
C LYS B 107 10.99 8.85 6.98
N ASP B 108 11.61 7.74 7.42
CA ASP B 108 13.05 7.78 7.67
C ASP B 108 13.81 8.08 6.39
N ASP B 109 13.39 7.46 5.27
CA ASP B 109 14.00 7.75 3.97
C ASP B 109 13.78 9.20 3.56
N PHE B 110 12.59 9.73 3.84
CA PHE B 110 12.28 11.13 3.51
C PHE B 110 13.26 12.08 4.19
N TRP B 111 13.48 11.89 5.50
CA TRP B 111 14.39 12.80 6.20
C TRP B 111 15.84 12.56 5.79
N LYS B 112 16.21 11.32 5.48
CA LYS B 112 17.54 11.06 4.94
C LYS B 112 17.77 11.86 3.67
N MET B 113 16.80 11.82 2.75
CA MET B 113 16.89 12.63 1.54
C MET B 113 17.01 14.11 1.86
N VAL B 114 16.16 14.61 2.75
CA VAL B 114 16.21 16.02 3.14
C VAL B 114 17.61 16.38 3.61
N TRP B 115 18.19 15.54 4.48
CA TRP B 115 19.54 15.82 4.97
C TRP B 115 20.58 15.73 3.85
N GLU B 116 20.56 14.63 3.08
CA GLU B 116 21.60 14.41 2.08
C GLU B 116 21.58 15.47 0.99
N GLN B 117 20.38 15.93 0.62
CA GLN B 117 20.24 16.90 -0.46
C GLN B 117 20.36 18.34 0.01
N ASN B 118 20.68 18.57 1.28
CA ASN B 118 20.87 19.92 1.83
C ASN B 118 19.60 20.75 1.70
N VAL B 119 18.46 20.10 1.91
CA VAL B 119 17.17 20.79 1.83
C VAL B 119 17.01 21.68 3.05
N HIS B 120 16.60 22.93 2.82
CA HIS B 120 16.30 23.87 3.89
C HIS B 120 14.85 24.30 3.91
N ASN B 121 14.08 24.03 2.86
CA ASN B 121 12.68 24.44 2.78
C ASN B 121 11.84 23.29 2.25
N ILE B 122 10.74 23.01 2.95
CA ILE B 122 9.79 21.97 2.58
C ILE B 122 8.42 22.61 2.46
N VAL B 123 7.75 22.35 1.34
CA VAL B 123 6.39 22.82 1.09
C VAL B 123 5.46 21.61 1.08
N MET B 124 4.40 21.68 1.88
CA MET B 124 3.41 20.62 1.98
C MET B 124 2.04 21.22 1.65
N VAL B 125 1.41 20.71 0.59
CA VAL B 125 0.15 21.28 0.12
C VAL B 125 -0.98 20.25 0.21
N THR B 126 -0.84 19.29 1.11
CA THR B 126 -1.93 18.41 1.47
C THR B 126 -2.08 18.40 3.00
N GLN B 127 -3.27 18.02 3.45
CA GLN B 127 -3.45 17.62 4.84
C GLN B 127 -3.11 16.13 4.96
N CYS B 128 -2.84 15.70 6.18
CA CYS B 128 -2.57 14.28 6.41
C CYS B 128 -3.82 13.44 6.18
N VAL B 129 -4.97 13.95 6.58
CA VAL B 129 -6.26 13.29 6.38
C VAL B 129 -7.24 14.31 5.82
N GLU B 130 -7.94 13.93 4.75
CA GLU B 130 -8.92 14.80 4.11
C GLU B 130 -10.20 14.00 3.90
N LYS B 131 -11.30 14.48 4.48
CA LYS B 131 -12.60 13.82 4.38
C LYS B 131 -12.52 12.38 4.87
N GLY B 132 -11.62 12.12 5.81
CA GLY B 132 -11.43 10.79 6.34
C GLY B 132 -10.50 9.90 5.56
N ARG B 133 -9.97 10.37 4.43
CA ARG B 133 -9.03 9.60 3.63
C ARG B 133 -7.61 9.98 4.01
N VAL B 134 -6.78 8.98 4.28
CA VAL B 134 -5.38 9.24 4.61
C VAL B 134 -4.66 9.68 3.34
N LYS B 135 -4.02 10.85 3.41
CA LYS B 135 -3.24 11.39 2.30
C LYS B 135 -1.75 11.36 2.57
N CYS B 136 -1.34 11.42 3.84
CA CYS B 136 0.06 11.59 4.19
C CYS B 136 0.23 11.21 5.65
N ASP B 137 1.35 10.56 5.96
CA ASP B 137 1.68 10.24 7.34
C ASP B 137 2.25 11.47 8.02
N HIS B 138 1.78 11.75 9.24
CA HIS B 138 2.35 12.82 10.05
C HIS B 138 3.80 12.47 10.34
N TYR B 139 4.75 13.16 9.70
CA TYR B 139 6.14 12.72 9.68
C TYR B 139 7.08 13.66 10.42
N TRP B 140 6.55 14.55 11.25
CA TRP B 140 7.37 15.46 12.04
C TRP B 140 6.91 15.43 13.48
N PRO B 141 7.77 15.83 14.43
CA PRO B 141 7.35 15.86 15.83
C PRO B 141 6.24 16.88 16.05
N ALA B 142 5.28 16.51 16.89
CA ALA B 142 4.14 17.37 17.18
C ALA B 142 4.26 18.10 18.51
N ASP B 143 5.06 17.59 19.44
CA ASP B 143 5.23 18.19 20.76
C ASP B 143 6.65 18.74 20.91
N GLN B 144 7.07 18.97 22.16
CA GLN B 144 8.39 19.53 22.40
C GLN B 144 9.51 18.51 22.24
N ASP B 145 9.19 17.22 22.32
CA ASP B 145 10.23 16.20 22.29
C ASP B 145 10.84 16.08 20.89
N SER B 146 12.13 15.78 20.87
CA SER B 146 12.80 15.45 19.61
C SER B 146 12.59 13.97 19.30
N LEU B 147 12.59 13.66 18.01
CA LEU B 147 12.37 12.31 17.52
C LEU B 147 13.55 11.86 16.67
N TYR B 148 13.83 10.57 16.72
CA TYR B 148 14.84 9.97 15.85
C TYR B 148 14.17 9.47 14.58
N TYR B 149 14.76 9.79 13.44
CA TYR B 149 14.37 9.20 12.16
C TYR B 149 15.67 8.58 11.61
N GLY B 150 15.87 7.30 11.88
CA GLY B 150 17.17 6.70 11.60
C GLY B 150 18.23 7.32 12.49
N ASP B 151 19.35 7.70 11.88
CA ASP B 151 20.43 8.35 12.61
C ASP B 151 20.31 9.87 12.62
N LEU B 152 19.16 10.42 12.23
CA LEU B 152 18.90 11.85 12.30
C LEU B 152 17.99 12.17 13.47
N ILE B 153 18.21 13.34 14.06
CA ILE B 153 17.41 13.84 15.17
C ILE B 153 16.68 15.09 14.71
N LEU B 154 15.36 15.11 14.93
CA LEU B 154 14.49 16.20 14.50
C LEU B 154 13.78 16.79 15.71
N GLN B 155 13.73 18.12 15.76
CA GLN B 155 13.06 18.85 16.84
C GLN B 155 12.36 20.05 16.23
N MET B 156 11.12 20.27 16.64
CA MET B 156 10.34 21.40 16.13
C MET B 156 10.60 22.61 17.03
N LEU B 157 11.24 23.63 16.46
CA LEU B 157 11.57 24.83 17.21
C LEU B 157 10.38 25.76 17.33
N SER B 158 9.55 25.82 16.28
CA SER B 158 8.53 26.85 16.16
C SER B 158 7.36 26.30 15.37
N GLU B 159 6.15 26.72 15.74
CA GLU B 159 4.95 26.40 15.00
C GLU B 159 4.04 27.62 15.00
N SER B 160 3.81 28.19 13.82
CA SER B 160 2.97 29.38 13.68
C SER B 160 1.77 29.00 12.82
N VAL B 161 0.61 28.91 13.45
CA VAL B 161 -0.61 28.47 12.77
C VAL B 161 -1.37 29.71 12.30
N LEU B 162 -1.80 29.68 11.06
CA LEU B 162 -2.60 30.73 10.45
C LEU B 162 -3.82 30.09 9.80
N PRO B 163 -4.84 30.89 9.46
CA PRO B 163 -6.09 30.30 8.97
C PRO B 163 -5.93 29.40 7.76
N GLU B 164 -5.01 29.73 6.85
CA GLU B 164 -4.88 29.01 5.59
C GLU B 164 -3.57 28.25 5.46
N TRP B 165 -2.61 28.47 6.35
CA TRP B 165 -1.39 27.66 6.32
C TRP B 165 -0.66 27.80 7.64
N THR B 166 0.28 26.89 7.86
CA THR B 166 1.07 26.83 9.08
C THR B 166 2.53 26.76 8.69
N ILE B 167 3.36 27.55 9.35
CA ILE B 167 4.80 27.56 9.11
C ILE B 167 5.47 26.97 10.35
N ARG B 168 6.26 25.93 10.15
CA ARG B 168 7.01 25.30 11.21
C ARG B 168 8.49 25.45 10.94
N GLU B 169 9.28 25.46 12.00
CA GLU B 169 10.73 25.49 11.92
C GLU B 169 11.27 24.27 12.65
N PHE B 170 12.15 23.54 11.97
CA PHE B 170 12.72 22.33 12.52
C PHE B 170 14.23 22.49 12.65
N LYS B 171 14.78 21.88 13.70
CA LYS B 171 16.21 21.69 13.86
C LYS B 171 16.53 20.24 13.54
N ILE B 172 17.45 20.02 12.61
CA ILE B 172 17.84 18.68 12.21
C ILE B 172 19.35 18.54 12.34
N CYS B 173 19.79 17.36 12.76
CA CYS B 173 21.22 17.08 12.87
C CYS B 173 21.42 15.57 12.89
N GLY B 174 22.66 15.16 12.59
CA GLY B 174 23.04 13.77 12.75
C GLY B 174 23.36 13.45 14.20
N GLU B 175 23.00 12.23 14.62
CA GLU B 175 23.14 11.86 16.02
C GLU B 175 24.57 12.00 16.51
N GLU B 176 25.55 11.86 15.62
CA GLU B 176 26.95 11.85 16.03
C GLU B 176 27.59 13.22 16.03
N GLN B 177 26.92 14.24 15.51
CA GLN B 177 27.46 15.62 15.49
C GLN B 177 26.31 16.57 15.82
N LEU B 178 26.03 16.71 17.11
CA LEU B 178 24.90 17.52 17.56
C LEU B 178 25.10 19.00 17.27
N ASP B 179 26.35 19.46 17.11
CA ASP B 179 26.60 20.87 16.85
C ASP B 179 26.46 21.24 15.39
N ALA B 180 26.45 20.28 14.48
CA ALA B 180 26.29 20.54 13.05
C ALA B 180 24.83 20.43 12.65
N HIS B 181 24.01 21.31 13.22
CA HIS B 181 22.57 21.29 13.01
C HIS B 181 22.17 22.28 11.92
N ARG B 182 20.95 22.11 11.43
CA ARG B 182 20.43 22.89 10.33
C ARG B 182 19.00 23.31 10.66
N LEU B 183 18.64 24.50 10.21
CA LEU B 183 17.26 24.99 10.32
C LEU B 183 16.51 24.68 9.03
N ILE B 184 15.36 24.03 9.15
CA ILE B 184 14.49 23.72 8.01
C ILE B 184 13.15 24.38 8.25
N ARG B 185 12.67 25.10 7.25
CA ARG B 185 11.34 25.70 7.31
C ARG B 185 10.35 24.84 6.55
N HIS B 186 9.16 24.68 7.13
CA HIS B 186 8.12 23.80 6.62
C HIS B 186 6.89 24.67 6.36
N PHE B 187 6.47 24.74 5.11
CA PHE B 187 5.35 25.59 4.69
C PHE B 187 4.18 24.67 4.34
N HIS B 188 3.16 24.67 5.20
CA HIS B 188 2.04 23.73 5.12
C HIS B 188 0.77 24.49 4.76
N TYR B 189 0.35 24.39 3.51
CA TYR B 189 -0.91 24.98 3.06
C TYR B 189 -2.03 23.97 3.31
N THR B 190 -3.01 24.35 4.13
CA THR B 190 -3.94 23.39 4.71
C THR B 190 -5.35 23.47 4.15
N VAL B 191 -5.61 24.32 3.15
CA VAL B 191 -6.95 24.47 2.61
C VAL B 191 -6.97 24.23 1.11
N TRP B 192 -6.25 23.20 0.66
CA TRP B 192 -6.20 22.83 -0.75
C TRP B 192 -6.72 21.40 -0.90
N PRO B 193 -7.96 21.21 -1.32
CA PRO B 193 -8.51 19.84 -1.38
C PRO B 193 -7.86 19.03 -2.49
N ASP B 194 -7.72 17.74 -2.23
CA ASP B 194 -7.14 16.83 -3.21
C ASP B 194 -8.00 16.83 -4.47
N HIS B 195 -7.32 16.81 -5.62
CA HIS B 195 -7.94 16.82 -6.94
C HIS B 195 -8.65 18.13 -7.26
N GLY B 196 -8.53 19.13 -6.39
CA GLY B 196 -9.23 20.38 -6.59
C GLY B 196 -8.31 21.58 -6.55
N VAL B 197 -8.88 22.75 -6.23
CA VAL B 197 -8.11 23.99 -6.16
C VAL B 197 -8.52 24.75 -4.91
N PRO B 198 -7.67 25.67 -4.45
CA PRO B 198 -8.06 26.54 -3.34
C PRO B 198 -9.26 27.40 -3.72
N GLU B 199 -9.96 27.90 -2.69
CA GLU B 199 -11.18 28.65 -2.94
C GLU B 199 -10.92 30.02 -3.56
N THR B 200 -9.69 30.54 -3.46
CA THR B 200 -9.35 31.82 -4.06
C THR B 200 -7.95 31.74 -4.65
N THR B 201 -7.69 32.60 -5.63
CA THR B 201 -6.36 32.69 -6.20
C THR B 201 -5.43 33.50 -5.32
N GLN B 202 -5.95 34.56 -4.68
CA GLN B 202 -5.13 35.41 -3.84
C GLN B 202 -4.49 34.61 -2.71
N SER B 203 -5.23 33.65 -2.15
CA SER B 203 -4.71 32.86 -1.03
C SER B 203 -3.43 32.14 -1.41
N LEU B 204 -3.47 31.34 -2.48
CA LEU B 204 -2.28 30.57 -2.86
C LEU B 204 -1.19 31.47 -3.41
N ILE B 205 -1.55 32.57 -4.08
CA ILE B 205 -0.55 33.50 -4.59
C ILE B 205 0.29 34.05 -3.45
N GLN B 206 -0.37 34.49 -2.38
CA GLN B 206 0.37 34.97 -1.21
C GLN B 206 1.24 33.87 -0.62
N PHE B 207 0.73 32.63 -0.60
CA PHE B 207 1.51 31.52 -0.05
C PHE B 207 2.76 31.26 -0.88
N VAL B 208 2.60 31.18 -2.19
CA VAL B 208 3.75 30.95 -3.07
C VAL B 208 4.77 32.07 -2.91
N ARG B 209 4.30 33.32 -2.86
CA ARG B 209 5.24 34.44 -2.72
C ARG B 209 5.96 34.41 -1.38
N THR B 210 5.27 33.97 -0.32
CA THR B 210 5.94 33.79 0.97
C THR B 210 7.06 32.75 0.85
N VAL B 211 6.74 31.59 0.25
CA VAL B 211 7.74 30.54 0.10
C VAL B 211 8.90 31.02 -0.78
N ARG B 212 8.58 31.64 -1.92
CA ARG B 212 9.64 32.10 -2.82
C ARG B 212 10.55 33.09 -2.13
N ASP B 213 9.99 33.94 -1.26
CA ASP B 213 10.83 34.83 -0.46
C ASP B 213 11.87 34.04 0.34
N TYR B 214 11.41 33.04 1.09
CA TYR B 214 12.34 32.27 1.92
C TYR B 214 13.34 31.50 1.08
N ILE B 215 12.91 30.96 -0.06
CA ILE B 215 13.85 30.27 -0.95
C ILE B 215 14.96 31.22 -1.40
N ASN B 216 14.58 32.43 -1.81
CA ASN B 216 15.59 33.38 -2.27
C ASN B 216 16.56 33.78 -1.18
N ARG B 217 16.16 33.66 0.10
CA ARG B 217 17.04 33.96 1.22
C ARG B 217 17.83 32.74 1.70
N SER B 218 17.75 31.62 0.99
CA SER B 218 18.50 30.41 1.32
C SER B 218 19.48 30.07 0.20
N PRO B 219 20.39 31.00 -0.12
CA PRO B 219 21.16 30.85 -1.38
C PRO B 219 21.91 29.53 -1.50
N GLY B 220 22.61 29.10 -0.46
CA GLY B 220 23.37 27.87 -0.53
C GLY B 220 22.57 26.60 -0.37
N ALA B 221 21.25 26.69 -0.35
CA ALA B 221 20.44 25.52 -0.04
C ALA B 221 20.32 24.60 -1.25
N GLY B 222 20.04 23.33 -0.97
CA GLY B 222 19.73 22.38 -2.00
C GLY B 222 18.35 22.61 -2.57
N PRO B 223 17.81 21.61 -3.25
CA PRO B 223 16.47 21.79 -3.83
C PRO B 223 15.41 22.04 -2.76
N THR B 224 14.38 22.77 -3.16
CA THR B 224 13.18 22.91 -2.35
C THR B 224 12.32 21.66 -2.50
N VAL B 225 11.94 21.05 -1.40
CA VAL B 225 11.08 19.87 -1.43
C VAL B 225 9.63 20.33 -1.48
N VAL B 226 8.85 19.74 -2.37
CA VAL B 226 7.43 20.04 -2.50
C VAL B 226 6.67 18.72 -2.56
N HIS B 227 5.63 18.58 -1.76
CA HIS B 227 4.87 17.34 -1.82
C HIS B 227 3.41 17.56 -1.45
N CYS B 228 2.56 16.69 -1.98
CA CYS B 228 1.16 16.57 -1.60
C CYS B 228 0.97 15.12 -1.14
N SER B 229 -0.06 14.44 -1.63
CA SER B 229 -0.20 13.01 -1.33
C SER B 229 0.56 12.17 -2.35
N ALA B 230 0.26 12.35 -3.63
CA ALA B 230 0.99 11.67 -4.69
C ALA B 230 2.24 12.41 -5.12
N GLY B 231 2.33 13.72 -4.85
CA GLY B 231 3.44 14.50 -5.33
C GLY B 231 3.36 14.84 -6.80
N VAL B 232 2.16 15.06 -7.34
CA VAL B 232 2.01 15.39 -8.74
C VAL B 232 1.02 16.53 -8.95
N GLY B 233 -0.20 16.38 -8.42
CA GLY B 233 -1.27 17.31 -8.74
C GLY B 233 -1.13 18.67 -8.10
N ARG B 234 -1.38 18.73 -6.79
CA ARG B 234 -1.20 19.98 -6.08
C ARG B 234 0.26 20.40 -6.06
N THR B 235 1.17 19.43 -5.98
CA THR B 235 2.60 19.75 -6.06
C THR B 235 2.94 20.44 -7.37
N GLY B 236 2.50 19.85 -8.49
CA GLY B 236 2.82 20.44 -9.78
C GLY B 236 2.22 21.81 -9.96
N THR B 237 0.99 22.00 -9.46
CA THR B 237 0.35 23.31 -9.57
C THR B 237 1.11 24.34 -8.74
N PHE B 238 1.62 23.95 -7.57
CA PHE B 238 2.40 24.88 -6.77
C PHE B 238 3.67 25.31 -7.51
N ILE B 239 4.38 24.34 -8.09
CA ILE B 239 5.64 24.65 -8.76
C ILE B 239 5.39 25.53 -9.97
N ALA B 240 4.41 25.17 -10.79
CA ALA B 240 4.08 25.98 -11.96
C ALA B 240 3.74 27.40 -11.55
N LEU B 241 2.97 27.56 -10.48
CA LEU B 241 2.62 28.91 -10.03
C LEU B 241 3.86 29.65 -9.52
N ASP B 242 4.73 28.95 -8.80
CA ASP B 242 5.98 29.56 -8.36
C ASP B 242 6.81 30.06 -9.54
N ARG B 243 6.88 29.27 -10.61
CA ARG B 243 7.66 29.67 -11.77
C ARG B 243 7.05 30.89 -12.46
N ILE B 244 5.75 30.85 -12.72
CA ILE B 244 5.14 31.93 -13.50
C ILE B 244 5.14 33.23 -12.72
N LEU B 245 4.91 33.16 -11.40
CA LEU B 245 4.92 34.39 -10.61
C LEU B 245 6.30 35.05 -10.65
N GLN B 246 7.37 34.25 -10.68
CA GLN B 246 8.70 34.81 -10.84
C GLN B 246 8.83 35.53 -12.18
N GLN B 247 8.26 34.95 -13.24
CA GLN B 247 8.33 35.58 -14.54
C GLN B 247 7.51 36.86 -14.58
N LEU B 248 6.34 36.86 -13.94
CA LEU B 248 5.48 38.04 -13.97
C LEU B 248 6.14 39.26 -13.36
N ASP B 249 7.13 39.07 -12.47
CA ASP B 249 7.84 40.21 -11.93
C ASP B 249 8.65 40.93 -13.00
N SER B 250 9.17 40.19 -13.98
CA SER B 250 10.01 40.76 -15.02
C SER B 250 9.20 41.29 -16.21
N LYS B 251 8.23 40.51 -16.66
CA LYS B 251 7.41 40.87 -17.82
C LYS B 251 5.93 40.69 -17.46
N ASP B 252 5.06 40.92 -18.45
CA ASP B 252 3.62 40.83 -18.26
C ASP B 252 3.02 39.64 -18.99
N SER B 253 3.84 38.69 -19.42
CA SER B 253 3.37 37.50 -20.11
C SER B 253 4.13 36.28 -19.59
N VAL B 254 3.47 35.13 -19.63
CA VAL B 254 4.05 33.88 -19.14
C VAL B 254 3.58 32.72 -20.00
N ASP B 255 4.40 31.68 -20.06
CA ASP B 255 4.12 30.48 -20.84
C ASP B 255 3.77 29.36 -19.87
N ILE B 256 2.51 29.31 -19.45
CA ILE B 256 2.06 28.27 -18.54
C ILE B 256 2.18 26.90 -19.20
N TYR B 257 1.76 26.79 -20.46
CA TYR B 257 1.85 25.52 -21.17
C TYR B 257 3.29 24.99 -21.16
N GLY B 258 4.24 25.85 -21.55
CA GLY B 258 5.63 25.42 -21.52
C GLY B 258 6.09 24.98 -20.15
N ALA B 259 5.62 25.68 -19.10
CA ALA B 259 6.02 25.30 -17.75
C ALA B 259 5.47 23.92 -17.38
N VAL B 260 4.18 23.69 -17.63
CA VAL B 260 3.58 22.40 -17.32
C VAL B 260 4.20 21.31 -18.18
N HIS B 261 4.43 21.61 -19.46
CA HIS B 261 5.11 20.65 -20.34
C HIS B 261 6.45 20.22 -19.73
N ASP B 262 7.24 21.18 -19.27
CA ASP B 262 8.54 20.86 -18.68
C ASP B 262 8.38 20.00 -17.43
N LEU B 263 7.35 20.27 -16.63
CA LEU B 263 7.11 19.44 -15.45
C LEU B 263 6.83 18.00 -15.86
N ARG B 264 6.00 17.80 -16.88
CA ARG B 264 5.61 16.45 -17.28
C ARG B 264 6.81 15.63 -17.76
N LEU B 265 7.78 16.29 -18.38
CA LEU B 265 8.97 15.56 -18.84
C LEU B 265 9.73 14.94 -17.68
N HIS B 266 9.53 15.45 -16.45
CA HIS B 266 10.30 15.00 -15.30
C HIS B 266 9.51 14.18 -14.29
N ARG B 267 8.18 14.21 -14.34
CA ARG B 267 7.37 13.37 -13.47
C ARG B 267 5.94 13.32 -13.99
N VAL B 268 5.31 12.16 -13.79
CA VAL B 268 3.97 11.95 -14.33
C VAL B 268 2.96 12.90 -13.68
N HIS B 269 1.95 13.28 -14.46
CA HIS B 269 0.71 13.88 -13.97
C HIS B 269 0.91 15.20 -13.24
N MET B 270 2.07 15.84 -13.38
CA MET B 270 2.27 17.14 -12.74
C MET B 270 1.19 18.11 -13.22
N VAL B 271 0.46 18.70 -12.26
CA VAL B 271 -0.77 19.43 -12.54
C VAL B 271 -1.78 18.40 -13.04
N GLN B 272 -2.55 17.83 -12.10
CA GLN B 272 -3.32 16.63 -12.39
C GLN B 272 -4.54 16.92 -13.25
N THR B 273 -5.36 17.89 -12.85
CA THR B 273 -6.67 18.10 -13.45
C THR B 273 -6.69 19.34 -14.34
N GLU B 274 -7.72 19.41 -15.19
CA GLU B 274 -7.90 20.59 -16.02
C GLU B 274 -8.26 21.80 -15.18
N CYS B 275 -9.02 21.61 -14.11
CA CYS B 275 -9.34 22.71 -13.20
C CYS B 275 -8.07 23.31 -12.61
N GLN B 276 -7.09 22.48 -12.28
CA GLN B 276 -5.83 23.01 -11.77
C GLN B 276 -5.08 23.77 -12.85
N TYR B 277 -5.10 23.26 -14.09
CA TYR B 277 -4.46 23.96 -15.19
C TYR B 277 -5.13 25.31 -15.46
N VAL B 278 -6.46 25.32 -15.52
CA VAL B 278 -7.19 26.58 -15.70
C VAL B 278 -6.96 27.51 -14.52
N TYR B 279 -6.85 26.94 -13.31
CA TYR B 279 -6.64 27.76 -12.12
C TYR B 279 -5.36 28.58 -12.24
N LEU B 280 -4.29 27.98 -12.78
CA LEU B 280 -3.05 28.72 -13.00
C LEU B 280 -3.30 29.95 -13.85
N HIS B 281 -4.04 29.80 -14.95
CA HIS B 281 -4.35 30.94 -15.79
C HIS B 281 -5.18 31.97 -15.04
N GLN B 282 -6.17 31.51 -14.27
CA GLN B 282 -6.96 32.43 -13.46
C GLN B 282 -6.09 33.20 -12.49
N CYS B 283 -5.02 32.59 -11.99
CA CYS B 283 -4.09 33.30 -11.12
C CYS B 283 -3.40 34.44 -11.88
N VAL B 284 -2.95 34.17 -13.10
CA VAL B 284 -2.24 35.19 -13.88
C VAL B 284 -3.18 36.36 -14.17
N ARG B 285 -4.40 36.06 -14.62
CA ARG B 285 -5.35 37.13 -14.90
C ARG B 285 -5.54 38.02 -13.68
N ASP B 286 -5.74 37.43 -12.51
CA ASP B 286 -5.95 38.21 -11.30
C ASP B 286 -4.75 39.09 -11.00
N VAL B 287 -3.54 38.54 -11.16
CA VAL B 287 -2.33 39.33 -10.93
C VAL B 287 -2.29 40.53 -11.87
N LEU B 288 -2.57 40.30 -13.15
CA LEU B 288 -2.50 41.38 -14.12
C LEU B 288 -3.61 42.40 -13.91
N ARG B 289 -4.82 41.93 -13.60
CA ARG B 289 -5.92 42.85 -13.32
C ARG B 289 -5.58 43.77 -12.16
N ALA B 290 -5.16 43.20 -11.03
CA ALA B 290 -4.81 44.01 -9.87
C ALA B 290 -3.61 44.91 -10.14
N ARG B 291 -2.79 44.57 -11.14
CA ARG B 291 -1.61 45.37 -11.46
C ARG B 291 -1.96 46.69 -12.10
N LYS B 292 -3.15 46.82 -12.68
CA LYS B 292 -3.55 48.05 -13.35
C LYS B 292 -3.93 49.13 -12.34
#